data_5IXX
#
_entry.id   5IXX
#
_cell.length_a   122.349
_cell.length_b   122.349
_cell.length_c   122.349
_cell.angle_alpha   90.00
_cell.angle_beta   90.00
_cell.angle_gamma   90.00
#
_symmetry.space_group_name_H-M   'P 21 3'
#
loop_
_entity.id
_entity.type
_entity.pdbx_description
1 polymer 'Alr2278 protein'
2 non-polymer 'PROTOPORPHYRIN IX CONTAINING FE'
3 non-polymer 1-(1H-imidazol-1-yl)ethan-1-one
4 non-polymer 'MALONATE ION'
5 water water
#
_entity_poly.entity_id   1
_entity_poly.type   'polypeptide(L)'
_entity_poly.pdbx_seq_one_letter_code
;MYGLVNKAIQDMISKHHGEDTWEAIKQKAGLEDIDFFVGMEAYSDDVTYHLVGAASEVLGKPAEELLIAFGEYWVTYTSE
EGYGELLASAGDSLPEFMENLDNLHARVGLSFPQLRPPAFECQHTSSKSMELHYQSTRAGLAPMVLGLLHGLGKRFQTKV
EVTQTAFRETGEDHDIFSIKYE
;
_entity_poly.pdbx_strand_id   A,B
#
# COMPACT_ATOMS: atom_id res chain seq x y z
N MET A 1 -7.37 -21.18 11.15
CA MET A 1 -8.49 -20.22 11.27
C MET A 1 -9.83 -20.98 11.13
N TYR A 2 -10.97 -20.40 11.48
CA TYR A 2 -12.24 -21.05 11.20
C TYR A 2 -12.54 -21.28 9.72
N GLY A 3 -13.27 -22.36 9.47
CA GLY A 3 -13.32 -22.90 8.14
C GLY A 3 -13.98 -21.94 7.18
N LEU A 4 -14.73 -21.03 7.76
CA LEU A 4 -15.37 -20.02 6.92
C LEU A 4 -14.34 -19.30 6.06
N VAL A 5 -13.16 -19.10 6.61
CA VAL A 5 -12.16 -18.31 5.93
C VAL A 5 -11.75 -19.17 4.74
N ASN A 6 -11.55 -20.46 4.95
CA ASN A 6 -11.08 -21.29 3.85
C ASN A 6 -12.15 -21.48 2.81
N LYS A 7 -13.40 -21.56 3.25
CA LYS A 7 -14.54 -21.72 2.35
C LYS A 7 -14.59 -20.47 1.50
N ALA A 8 -14.19 -19.34 2.09
CA ALA A 8 -14.24 -18.15 1.26
C ALA A 8 -13.16 -18.21 0.17
N ILE A 9 -12.02 -18.78 0.50
CA ILE A 9 -10.90 -18.70 -0.40
C ILE A 9 -11.29 -19.61 -1.56
N GLN A 10 -11.88 -20.73 -1.18
CA GLN A 10 -12.39 -21.67 -2.18
C GLN A 10 -13.43 -21.03 -3.04
N ASP A 11 -14.37 -20.41 -2.38
CA ASP A 11 -15.34 -19.78 -3.25
C ASP A 11 -14.78 -18.83 -4.26
N MET A 12 -13.86 -17.99 -3.77
CA MET A 12 -13.35 -16.92 -4.60
C MET A 12 -12.64 -17.54 -5.81
N ILE A 13 -11.87 -18.58 -5.58
CA ILE A 13 -11.08 -19.20 -6.66
C ILE A 13 -11.95 -20.03 -7.60
N SER A 14 -12.91 -20.72 -7.00
CA SER A 14 -13.87 -21.48 -7.79
C SER A 14 -14.57 -20.49 -8.69
N LYS A 15 -15.10 -19.42 -8.13
CA LYS A 15 -15.82 -18.47 -8.96
C LYS A 15 -14.90 -17.78 -9.97
N HIS A 16 -13.67 -17.43 -9.62
CA HIS A 16 -12.91 -16.71 -10.59
C HIS A 16 -12.22 -17.59 -11.61
N HIS A 17 -11.87 -18.83 -11.29
CA HIS A 17 -11.08 -19.64 -12.20
C HIS A 17 -11.60 -21.05 -12.38
N GLY A 18 -12.68 -21.47 -11.72
CA GLY A 18 -13.24 -22.78 -12.03
C GLY A 18 -12.80 -23.87 -11.06
N GLU A 19 -13.66 -24.88 -11.01
CA GLU A 19 -13.61 -25.99 -10.08
C GLU A 19 -12.37 -26.88 -10.28
N ASP A 20 -11.89 -26.91 -11.53
CA ASP A 20 -10.74 -27.71 -11.91
C ASP A 20 -9.51 -27.09 -11.26
N THR A 21 -9.37 -25.79 -11.53
CA THR A 21 -8.32 -25.00 -10.87
C THR A 21 -8.42 -25.01 -9.34
N TRP A 22 -9.62 -24.94 -8.78
CA TRP A 22 -9.71 -25.14 -7.33
C TRP A 22 -9.14 -26.54 -6.97
N GLU A 23 -9.54 -27.58 -7.69
CA GLU A 23 -9.15 -28.95 -7.34
C GLU A 23 -7.64 -29.09 -7.35
N ALA A 24 -7.06 -28.55 -8.42
CA ALA A 24 -5.61 -28.55 -8.51
C ALA A 24 -4.92 -27.90 -7.32
N ILE A 25 -5.49 -26.74 -6.97
CA ILE A 25 -4.96 -25.98 -5.85
C ILE A 25 -5.10 -26.67 -4.53
N LYS A 26 -6.20 -27.36 -4.33
CA LYS A 26 -6.38 -28.11 -3.10
C LYS A 26 -5.39 -29.24 -2.99
N GLN A 27 -5.10 -29.81 -4.15
CA GLN A 27 -4.35 -31.06 -4.30
C GLN A 27 -2.91 -30.67 -4.01
N LYS A 28 -2.42 -29.66 -4.73
CA LYS A 28 -1.11 -29.08 -4.43
C LYS A 28 -0.90 -28.71 -2.99
N ALA A 29 -1.94 -28.23 -2.32
CA ALA A 29 -1.78 -27.90 -0.92
C ALA A 29 -1.70 -29.10 0.02
N GLY A 30 -1.90 -30.30 -0.49
CA GLY A 30 -1.85 -31.47 0.37
C GLY A 30 -3.09 -31.61 1.25
N LEU A 31 -4.22 -31.21 0.65
CA LEU A 31 -5.53 -31.25 1.33
C LEU A 31 -6.64 -31.97 0.57
N GLU A 32 -6.30 -32.99 -0.22
CA GLU A 32 -7.23 -33.85 -0.96
C GLU A 32 -8.18 -34.64 -0.04
N ASP A 33 -7.65 -35.10 1.10
CA ASP A 33 -8.44 -35.55 2.23
C ASP A 33 -9.76 -34.80 2.44
N ILE A 34 -9.64 -33.49 2.55
CA ILE A 34 -10.72 -32.68 3.09
C ILE A 34 -11.79 -32.53 2.05
N ASP A 35 -12.92 -33.20 2.20
CA ASP A 35 -13.93 -33.05 1.15
C ASP A 35 -14.55 -31.66 1.14
N PHE A 36 -14.74 -31.07 2.33
CA PHE A 36 -15.38 -29.77 2.39
C PHE A 36 -14.93 -29.07 3.69
N PHE A 37 -14.93 -27.75 3.64
CA PHE A 37 -14.63 -27.01 4.86
C PHE A 37 -15.87 -26.80 5.70
N VAL A 38 -15.73 -26.95 7.02
CA VAL A 38 -16.83 -26.70 7.95
C VAL A 38 -16.71 -25.28 8.47
N GLY A 39 -17.68 -24.43 8.12
CA GLY A 39 -17.59 -23.01 8.45
C GLY A 39 -17.26 -22.72 9.89
N MET A 40 -17.94 -23.42 10.79
CA MET A 40 -17.91 -23.00 12.18
C MET A 40 -16.92 -23.86 12.92
N GLU A 41 -16.00 -24.47 12.18
CA GLU A 41 -15.04 -25.31 12.87
C GLU A 41 -13.63 -24.76 12.71
N ALA A 42 -12.81 -24.92 13.75
CA ALA A 42 -11.43 -24.42 13.72
C ALA A 42 -10.48 -25.33 12.94
N TYR A 43 -9.64 -24.78 12.06
CA TYR A 43 -8.67 -25.54 11.30
C TYR A 43 -7.34 -24.95 11.78
N SER A 44 -6.26 -25.69 11.55
CA SER A 44 -4.91 -25.22 11.88
C SER A 44 -4.64 -24.10 10.89
N ASP A 45 -3.94 -23.04 11.29
CA ASP A 45 -3.66 -22.00 10.29
C ASP A 45 -2.98 -22.49 9.01
N ASP A 46 -2.19 -23.53 9.22
CA ASP A 46 -1.42 -24.19 8.18
C ASP A 46 -2.25 -24.31 6.91
N VAL A 47 -3.49 -24.75 7.09
CA VAL A 47 -4.37 -25.05 5.98
C VAL A 47 -4.56 -23.84 5.04
N THR A 48 -4.72 -22.70 5.68
CA THR A 48 -4.90 -21.43 4.94
C THR A 48 -3.63 -20.96 4.23
N TYR A 49 -2.50 -20.84 4.93
CA TYR A 49 -1.18 -20.56 4.33
C TYR A 49 -0.88 -21.53 3.19
N HIS A 50 -1.09 -22.83 3.38
CA HIS A 50 -0.87 -23.79 2.29
C HIS A 50 -1.73 -23.53 1.08
N LEU A 51 -3.00 -23.24 1.30
CA LEU A 51 -3.86 -22.95 0.16
C LEU A 51 -3.42 -21.71 -0.60
N VAL A 52 -3.04 -20.73 0.19
CA VAL A 52 -2.61 -19.48 -0.43
C VAL A 52 -1.31 -19.77 -1.19
N GLY A 53 -0.37 -20.48 -0.58
CA GLY A 53 0.86 -20.82 -1.28
C GLY A 53 0.65 -21.64 -2.54
N ALA A 54 -0.25 -22.59 -2.43
CA ALA A 54 -0.54 -23.44 -3.54
C ALA A 54 -1.25 -22.63 -4.60
N ALA A 55 -2.10 -21.69 -4.19
CA ALA A 55 -2.82 -20.87 -5.18
C ALA A 55 -1.86 -19.97 -5.99
N SER A 56 -0.85 -19.46 -5.30
CA SER A 56 0.24 -18.73 -5.93
C SER A 56 0.95 -19.52 -7.04
N GLU A 57 1.46 -20.72 -6.71
CA GLU A 57 2.07 -21.57 -7.74
C GLU A 57 1.12 -21.80 -8.91
N VAL A 58 -0.08 -22.28 -8.65
CA VAL A 58 -0.93 -22.70 -9.74
C VAL A 58 -1.37 -21.52 -10.60
N LEU A 59 -1.65 -20.39 -9.97
CA LEU A 59 -2.12 -19.28 -10.78
C LEU A 59 -0.98 -18.41 -11.30
N GLY A 60 0.23 -18.64 -10.78
CA GLY A 60 1.40 -17.85 -11.18
C GLY A 60 1.27 -16.38 -10.79
N LYS A 61 0.81 -16.12 -9.57
CA LYS A 61 0.58 -14.79 -9.05
C LYS A 61 1.21 -14.78 -7.66
N PRO A 62 1.73 -13.64 -7.22
CA PRO A 62 2.23 -13.72 -5.85
C PRO A 62 1.14 -13.87 -4.79
N ALA A 63 1.46 -14.67 -3.79
CA ALA A 63 0.65 -14.80 -2.58
C ALA A 63 0.00 -13.47 -2.23
N GLU A 64 0.78 -12.40 -2.18
CA GLU A 64 0.32 -11.12 -1.67
C GLU A 64 -0.76 -10.54 -2.53
N GLU A 65 -0.64 -10.82 -3.82
CA GLU A 65 -1.67 -10.40 -4.74
C GLU A 65 -3.02 -11.08 -4.45
N LEU A 66 -2.96 -12.35 -4.10
CA LEU A 66 -4.15 -13.13 -3.79
C LEU A 66 -4.80 -12.72 -2.48
N LEU A 67 -3.99 -12.41 -1.49
CA LEU A 67 -4.47 -11.96 -0.21
C LEU A 67 -5.10 -10.59 -0.43
N ILE A 68 -4.66 -9.79 -1.38
CA ILE A 68 -5.31 -8.49 -1.56
C ILE A 68 -6.70 -8.70 -2.12
N ALA A 69 -6.78 -9.59 -3.11
CA ALA A 69 -8.05 -9.96 -3.69
C ALA A 69 -9.04 -10.58 -2.68
N PHE A 70 -8.49 -11.47 -1.89
CA PHE A 70 -9.28 -12.19 -0.96
C PHE A 70 -9.82 -11.23 0.08
N GLY A 71 -9.01 -10.27 0.49
CA GLY A 71 -9.47 -9.22 1.39
C GLY A 71 -10.66 -8.48 0.88
N GLU A 72 -10.68 -8.20 -0.42
CA GLU A 72 -11.76 -7.41 -0.97
C GLU A 72 -12.94 -8.35 -1.11
N TYR A 73 -12.69 -9.58 -1.58
CA TYR A 73 -13.79 -10.52 -1.69
C TYR A 73 -14.57 -10.73 -0.40
N TRP A 74 -13.88 -10.90 0.70
CA TRP A 74 -14.43 -11.26 2.01
C TRP A 74 -15.45 -10.24 2.43
N VAL A 75 -15.27 -8.98 2.06
CA VAL A 75 -16.25 -7.98 2.44
C VAL A 75 -17.59 -8.26 1.79
N THR A 76 -17.54 -8.76 0.56
CA THR A 76 -18.76 -9.10 -0.16
C THR A 76 -19.30 -10.44 0.32
N TYR A 77 -18.38 -11.37 0.57
CA TYR A 77 -18.78 -12.72 0.87
C TYR A 77 -19.41 -12.76 2.26
N THR A 78 -18.87 -11.97 3.18
CA THR A 78 -19.52 -11.97 4.50
C THR A 78 -20.92 -11.36 4.42
N SER A 79 -21.15 -10.31 3.63
CA SER A 79 -22.46 -9.71 3.51
C SER A 79 -23.46 -10.67 2.91
N GLU A 80 -23.03 -11.71 2.21
CA GLU A 80 -23.99 -12.56 1.53
C GLU A 80 -24.19 -13.93 2.14
N GLU A 81 -23.29 -14.38 2.98
CA GLU A 81 -23.33 -15.74 3.54
C GLU A 81 -23.59 -15.71 5.04
N GLY A 82 -24.32 -14.67 5.44
CA GLY A 82 -24.88 -14.64 6.78
C GLY A 82 -24.44 -13.61 7.79
N TYR A 83 -23.64 -12.65 7.36
CA TYR A 83 -23.11 -11.63 8.25
C TYR A 83 -23.44 -10.24 7.72
N GLY A 84 -24.44 -10.09 6.87
CA GLY A 84 -24.86 -8.79 6.37
C GLY A 84 -25.35 -7.78 7.39
N GLU A 85 -26.13 -8.25 8.36
CA GLU A 85 -26.66 -7.34 9.37
C GLU A 85 -25.59 -6.92 10.35
N LEU A 86 -24.78 -7.88 10.75
CA LEU A 86 -23.63 -7.64 11.60
C LEU A 86 -22.70 -6.63 10.91
N LEU A 87 -22.42 -6.82 9.62
CA LEU A 87 -21.63 -5.83 8.89
C LEU A 87 -22.21 -4.44 8.95
N ALA A 88 -23.46 -4.31 8.53
CA ALA A 88 -24.22 -3.07 8.53
C ALA A 88 -24.30 -2.46 9.92
N SER A 89 -24.30 -3.31 10.95
CA SER A 89 -24.34 -2.78 12.30
C SER A 89 -23.06 -2.08 12.62
N ALA A 90 -21.96 -2.37 11.92
CA ALA A 90 -20.69 -1.76 12.26
C ALA A 90 -20.52 -0.38 11.70
N GLY A 91 -21.47 0.13 10.93
CA GLY A 91 -21.46 1.53 10.55
C GLY A 91 -21.63 1.81 9.07
N ASP A 92 -21.76 3.10 8.74
CA ASP A 92 -22.05 3.45 7.37
C ASP A 92 -21.00 4.44 6.89
N SER A 93 -19.84 4.47 7.53
CA SER A 93 -18.72 5.14 6.92
C SER A 93 -17.45 4.34 7.25
N LEU A 94 -16.42 4.58 6.44
CA LEU A 94 -15.17 3.84 6.66
C LEU A 94 -14.51 4.06 8.00
N PRO A 95 -14.30 5.29 8.44
CA PRO A 95 -13.66 5.46 9.74
C PRO A 95 -14.51 4.93 10.89
N GLU A 96 -15.81 5.07 10.78
CA GLU A 96 -16.66 4.53 11.80
C GLU A 96 -16.47 3.02 11.85
N PHE A 97 -16.50 2.43 10.65
CA PHE A 97 -16.45 0.98 10.53
C PHE A 97 -15.19 0.48 11.22
N MET A 98 -14.07 1.14 10.98
CA MET A 98 -12.78 0.72 11.52
C MET A 98 -12.64 0.90 13.03
N GLU A 99 -13.26 1.97 13.51
CA GLU A 99 -13.37 2.12 14.96
C GLU A 99 -14.15 1.03 15.65
N ASN A 100 -15.18 0.55 14.96
CA ASN A 100 -15.99 -0.55 15.45
C ASN A 100 -15.38 -1.91 15.22
N LEU A 101 -14.23 -2.00 14.58
CA LEU A 101 -13.88 -3.32 14.07
C LEU A 101 -13.57 -4.29 15.22
N ASP A 102 -12.86 -3.91 16.27
CA ASP A 102 -12.66 -4.82 17.38
C ASP A 102 -14.00 -5.24 17.98
N ASN A 103 -14.97 -4.36 17.98
CA ASN A 103 -16.26 -4.71 18.58
C ASN A 103 -17.03 -5.70 17.71
N LEU A 104 -16.87 -5.62 16.40
CA LEU A 104 -17.47 -6.54 15.46
C LEU A 104 -16.89 -7.92 15.69
N HIS A 105 -15.57 -7.96 15.88
CA HIS A 105 -14.88 -9.25 15.94
C HIS A 105 -15.25 -9.81 17.34
N ALA A 106 -15.37 -8.97 18.35
CA ALA A 106 -15.85 -9.47 19.66
C ALA A 106 -17.18 -10.22 19.57
N ARG A 107 -18.11 -9.63 18.82
CA ARG A 107 -19.41 -10.25 18.56
C ARG A 107 -19.38 -11.52 17.74
N VAL A 108 -18.47 -11.51 16.79
CA VAL A 108 -18.22 -12.70 15.98
C VAL A 108 -17.74 -13.81 16.92
N GLY A 109 -16.96 -13.43 17.91
CA GLY A 109 -16.23 -14.36 18.78
C GLY A 109 -17.08 -14.92 19.89
N LEU A 110 -18.24 -14.34 20.18
CA LEU A 110 -19.15 -15.05 21.07
C LEU A 110 -19.65 -16.30 20.35
N SER A 111 -19.95 -16.14 19.06
CA SER A 111 -20.39 -17.25 18.20
C SER A 111 -19.24 -18.18 17.79
N PHE A 112 -18.00 -17.72 17.63
CA PHE A 112 -16.86 -18.58 17.31
C PHE A 112 -15.99 -18.53 18.57
N PRO A 113 -16.23 -19.45 19.50
CA PRO A 113 -15.52 -19.26 20.76
C PRO A 113 -13.98 -19.33 20.75
N GLN A 114 -13.34 -19.94 19.77
CA GLN A 114 -11.89 -20.04 19.73
C GLN A 114 -11.19 -19.00 18.83
N LEU A 115 -11.94 -17.99 18.40
CA LEU A 115 -11.47 -16.93 17.53
C LEU A 115 -10.21 -16.23 18.06
N ARG A 116 -9.13 -16.08 17.29
CA ARG A 116 -8.04 -15.18 17.61
C ARG A 116 -8.18 -14.06 16.60
N PRO A 117 -9.00 -13.07 16.95
CA PRO A 117 -9.23 -12.01 15.96
C PRO A 117 -8.09 -11.01 15.88
N PRO A 118 -7.93 -10.34 14.73
CA PRO A 118 -6.96 -9.26 14.85
C PRO A 118 -7.40 -8.11 15.75
N ALA A 119 -6.51 -7.15 16.03
CA ALA A 119 -6.87 -5.94 16.78
C ALA A 119 -6.49 -4.66 16.05
N PHE A 120 -7.44 -3.73 15.99
CA PHE A 120 -7.24 -2.55 15.13
C PHE A 120 -7.48 -1.25 15.89
N GLU A 121 -6.47 -0.38 15.91
CA GLU A 121 -6.63 0.88 16.58
C GLU A 121 -6.43 1.99 15.57
N CYS A 122 -7.31 2.97 15.63
CA CYS A 122 -7.28 4.12 14.75
C CYS A 122 -6.76 5.35 15.46
N GLN A 123 -5.80 6.07 14.89
CA GLN A 123 -5.53 7.49 15.26
C GLN A 123 -5.94 8.28 14.02
N HIS A 124 -6.99 9.09 14.16
CA HIS A 124 -7.51 10.06 13.15
C HIS A 124 -6.63 11.32 13.10
N THR A 125 -5.89 11.47 12.01
CA THR A 125 -4.98 12.57 11.75
C THR A 125 -5.77 13.75 11.17
N SER A 126 -7.00 13.52 10.68
CA SER A 126 -7.95 14.56 10.28
C SER A 126 -9.30 13.90 10.06
N SER A 127 -10.20 14.64 9.44
CA SER A 127 -11.51 14.12 9.03
C SER A 127 -11.39 13.29 7.75
N LYS A 128 -10.28 13.39 7.02
CA LYS A 128 -10.11 12.61 5.80
C LYS A 128 -8.91 11.68 5.89
N SER A 129 -8.35 11.47 7.09
CA SER A 129 -7.25 10.51 7.22
C SER A 129 -7.05 9.80 8.56
N MET A 130 -6.31 8.70 8.51
CA MET A 130 -5.97 8.11 9.79
C MET A 130 -4.78 7.18 9.70
N GLU A 131 -4.23 6.98 10.90
CA GLU A 131 -3.27 5.90 11.12
C GLU A 131 -3.97 4.68 11.70
N LEU A 132 -3.75 3.57 11.04
CA LEU A 132 -4.33 2.31 11.43
C LEU A 132 -3.25 1.35 11.91
N HIS A 133 -3.43 0.95 13.17
CA HIS A 133 -2.56 0.01 13.81
C HIS A 133 -3.15 -1.36 13.76
N TYR A 134 -2.50 -2.27 13.02
CA TYR A 134 -3.00 -3.64 12.91
C TYR A 134 -2.19 -4.62 13.76
N GLN A 135 -2.77 -5.20 14.81
CA GLN A 135 -2.04 -6.18 15.63
C GLN A 135 -2.69 -7.55 15.49
N SER A 136 -1.83 -8.56 15.33
CA SER A 136 -2.32 -9.88 15.02
C SER A 136 -1.39 -10.85 15.70
N THR A 137 -2.03 -11.96 16.04
CA THR A 137 -1.30 -13.14 16.49
C THR A 137 -0.69 -13.88 15.31
N ARG A 138 -0.92 -13.42 14.08
CA ARG A 138 -0.47 -14.20 12.92
C ARG A 138 0.35 -13.29 12.03
N ALA A 139 1.14 -13.94 11.16
CA ALA A 139 2.06 -13.25 10.31
C ALA A 139 1.48 -13.28 8.90
N GLY A 140 1.83 -12.29 8.11
CA GLY A 140 1.64 -12.45 6.67
C GLY A 140 0.37 -11.88 6.06
N LEU A 141 -0.55 -11.39 6.88
CA LEU A 141 -1.89 -11.03 6.39
C LEU A 141 -2.10 -9.56 6.22
N ALA A 142 -1.09 -8.74 6.45
CA ALA A 142 -1.24 -7.33 6.06
C ALA A 142 -1.71 -7.04 4.62
N PRO A 143 -1.34 -7.87 3.67
CA PRO A 143 -1.86 -7.51 2.37
C PRO A 143 -3.35 -7.80 2.32
N MET A 144 -3.81 -8.78 3.09
CA MET A 144 -5.24 -9.00 3.19
C MET A 144 -5.97 -7.80 3.76
N VAL A 145 -5.34 -7.12 4.70
CA VAL A 145 -5.89 -5.90 5.29
C VAL A 145 -6.11 -4.80 4.26
N LEU A 146 -5.07 -4.64 3.45
CA LEU A 146 -5.23 -3.71 2.35
C LEU A 146 -6.46 -3.96 1.47
N GLY A 147 -6.72 -5.20 1.12
CA GLY A 147 -7.82 -5.51 0.22
C GLY A 147 -9.14 -5.29 0.94
N LEU A 148 -9.14 -5.70 2.20
CA LEU A 148 -10.28 -5.49 3.06
C LEU A 148 -10.58 -3.98 3.10
N LEU A 149 -9.58 -3.15 3.35
CA LEU A 149 -9.86 -1.73 3.26
C LEU A 149 -10.40 -1.27 1.92
N HIS A 150 -9.92 -1.82 0.82
CA HIS A 150 -10.49 -1.41 -0.43
C HIS A 150 -11.90 -1.95 -0.58
N GLY A 151 -12.20 -3.15 -0.14
CA GLY A 151 -13.60 -3.58 -0.14
C GLY A 151 -14.50 -2.68 0.69
N LEU A 152 -13.97 -2.10 1.76
CA LEU A 152 -14.82 -1.28 2.61
C LEU A 152 -15.11 0.05 1.91
N GLY A 153 -14.10 0.55 1.22
CA GLY A 153 -14.27 1.67 0.32
C GLY A 153 -15.37 1.48 -0.72
N LYS A 154 -15.35 0.38 -1.45
CA LYS A 154 -16.47 0.02 -2.31
C LYS A 154 -17.75 0.03 -1.51
N ARG A 155 -17.80 -0.63 -0.36
CA ARG A 155 -19.09 -0.73 0.30
C ARG A 155 -19.68 0.64 0.60
N PHE A 156 -18.87 1.65 0.91
CA PHE A 156 -19.33 2.95 1.38
C PHE A 156 -19.12 4.04 0.33
N GLN A 157 -18.79 3.59 -0.88
CA GLN A 157 -18.49 4.45 -2.01
C GLN A 157 -17.59 5.58 -1.60
N THR A 158 -16.47 5.20 -1.00
CA THR A 158 -15.44 6.14 -0.58
C THR A 158 -14.16 5.70 -1.30
N LYS A 159 -13.33 6.66 -1.67
CA LYS A 159 -12.09 6.35 -2.34
C LYS A 159 -11.13 6.32 -1.19
N VAL A 160 -10.32 5.28 -1.11
CA VAL A 160 -9.35 5.14 -0.04
C VAL A 160 -7.98 4.81 -0.62
N GLU A 161 -7.01 5.55 -0.13
CA GLU A 161 -5.60 5.33 -0.47
C GLU A 161 -4.94 4.86 0.80
N VAL A 162 -4.29 3.69 0.71
CA VAL A 162 -3.75 3.06 1.88
C VAL A 162 -2.28 2.73 1.64
N THR A 163 -1.44 3.14 2.59
CA THR A 163 -0.05 2.78 2.45
C THR A 163 0.54 2.30 3.77
N GLN A 164 1.32 1.25 3.67
CA GLN A 164 1.74 0.59 4.88
C GLN A 164 3.00 1.29 5.28
N THR A 165 3.15 1.68 6.55
CA THR A 165 4.34 2.44 6.99
C THR A 165 5.18 1.75 8.05
N ALA A 166 4.74 0.59 8.53
CA ALA A 166 5.58 -0.20 9.41
C ALA A 166 5.18 -1.64 9.17
N PHE A 167 6.15 -2.51 9.29
CA PHE A 167 6.05 -3.90 8.90
C PHE A 167 6.48 -4.91 9.96
N ARG A 168 5.52 -5.69 10.46
CA ARG A 168 5.76 -6.72 11.46
C ARG A 168 6.81 -7.70 11.01
N GLU A 169 6.70 -7.98 9.73
CA GLU A 169 7.58 -8.82 8.92
C GLU A 169 9.07 -8.56 9.11
N THR A 170 9.48 -7.29 9.26
CA THR A 170 10.87 -6.94 9.40
C THR A 170 11.28 -6.95 10.87
N GLY A 171 10.32 -7.17 11.77
CA GLY A 171 10.65 -7.03 13.19
C GLY A 171 10.06 -5.90 14.00
N GLU A 172 9.40 -4.93 13.36
CA GLU A 172 8.57 -3.87 13.96
C GLU A 172 7.45 -4.51 14.72
N ASP A 173 7.05 -3.81 15.75
CA ASP A 173 6.21 -4.48 16.71
C ASP A 173 4.96 -4.86 15.96
N HIS A 174 4.49 -4.03 15.02
CA HIS A 174 3.25 -4.33 14.27
C HIS A 174 2.96 -3.55 13.00
N ASP A 175 2.11 -4.04 12.11
CA ASP A 175 1.86 -3.32 10.86
C ASP A 175 1.07 -2.04 11.20
N ILE A 176 1.46 -0.97 10.54
CA ILE A 176 0.82 0.34 10.64
C ILE A 176 0.65 0.78 9.20
N PHE A 177 -0.52 1.39 9.01
CA PHE A 177 -1.01 1.88 7.74
C PHE A 177 -1.46 3.31 7.81
N SER A 178 -1.05 4.15 6.84
CA SER A 178 -1.61 5.51 6.69
C SER A 178 -2.79 5.48 5.75
N ILE A 179 -3.90 6.14 6.06
CA ILE A 179 -5.01 5.96 5.13
C ILE A 179 -5.68 7.30 4.83
N LYS A 180 -6.00 7.57 3.57
CA LYS A 180 -6.65 8.82 3.15
C LYS A 180 -7.92 8.41 2.43
N TYR A 181 -9.00 9.11 2.79
CA TYR A 181 -10.36 8.69 2.35
C TYR A 181 -11.21 9.90 1.97
N GLU A 182 -12.06 9.67 0.96
CA GLU A 182 -12.84 10.45 -0.02
C GLU A 182 -11.90 11.51 -0.53
N MET B 1 20.42 15.11 -4.17
CA MET B 1 19.54 15.07 -5.37
C MET B 1 19.48 16.44 -6.05
N TYR B 2 19.00 16.59 -7.29
CA TYR B 2 18.81 17.92 -7.85
C TYR B 2 17.84 18.78 -7.10
N GLY B 3 18.06 20.10 -7.10
CA GLY B 3 17.35 21.03 -6.21
C GLY B 3 15.85 21.08 -6.40
N LEU B 4 15.41 20.64 -7.56
CA LEU B 4 14.00 20.55 -7.91
C LEU B 4 13.19 19.74 -6.87
N VAL B 5 13.86 18.73 -6.36
CA VAL B 5 13.31 17.76 -5.43
C VAL B 5 13.16 18.52 -4.12
N ASN B 6 14.19 19.26 -3.71
CA ASN B 6 14.08 20.02 -2.50
C ASN B 6 13.15 21.21 -2.58
N LYS B 7 13.19 21.90 -3.70
CA LYS B 7 12.15 22.87 -4.00
C LYS B 7 10.80 22.20 -3.95
N ALA B 8 10.64 20.95 -4.38
CA ALA B 8 9.25 20.50 -4.32
C ALA B 8 8.84 20.30 -2.88
N ILE B 9 9.82 19.98 -2.02
CA ILE B 9 9.50 19.58 -0.65
C ILE B 9 9.09 20.86 0.07
N GLN B 10 9.89 21.88 -0.18
CA GLN B 10 9.63 23.22 0.35
C GLN B 10 8.25 23.65 -0.07
N ASP B 11 8.00 23.61 -1.37
CA ASP B 11 6.68 23.97 -1.77
C ASP B 11 5.58 23.21 -1.12
N MET B 12 5.72 21.90 -0.98
CA MET B 12 4.59 21.14 -0.46
C MET B 12 4.34 21.60 0.97
N ILE B 13 5.41 21.85 1.72
CA ILE B 13 5.28 22.15 3.14
C ILE B 13 4.80 23.58 3.36
N SER B 14 5.28 24.52 2.56
CA SER B 14 4.83 25.90 2.61
C SER B 14 3.35 25.86 2.29
N LYS B 15 2.95 25.17 1.22
CA LYS B 15 1.55 25.28 0.84
C LYS B 15 0.69 24.61 1.91
N HIS B 16 1.17 23.60 2.61
CA HIS B 16 0.29 22.84 3.48
C HIS B 16 0.21 23.32 4.91
N HIS B 17 1.30 23.90 5.42
CA HIS B 17 1.48 24.36 6.77
C HIS B 17 2.05 25.76 6.93
N GLY B 18 2.41 26.49 5.87
CA GLY B 18 2.85 27.87 6.05
C GLY B 18 4.35 28.04 6.05
N GLU B 19 4.72 29.27 5.72
CA GLU B 19 6.09 29.71 5.51
C GLU B 19 6.87 29.65 6.82
N ASP B 20 6.17 29.94 7.91
CA ASP B 20 6.74 29.95 9.25
C ASP B 20 7.24 28.57 9.59
N THR B 21 6.38 27.56 9.41
CA THR B 21 6.79 26.14 9.54
C THR B 21 7.96 25.67 8.64
N TRP B 22 7.82 26.08 7.38
CA TRP B 22 8.90 25.82 6.43
C TRP B 22 10.24 26.32 7.03
N GLU B 23 10.23 27.55 7.52
CA GLU B 23 11.43 28.17 8.11
C GLU B 23 11.99 27.34 9.27
N ALA B 24 11.06 27.06 10.17
CA ALA B 24 11.46 26.22 11.30
C ALA B 24 12.17 24.96 10.81
N ILE B 25 11.48 24.33 9.86
CA ILE B 25 11.97 23.07 9.31
C ILE B 25 13.36 23.20 8.69
N LYS B 26 13.46 24.25 7.91
CA LYS B 26 14.73 24.56 7.27
C LYS B 26 15.77 24.85 8.33
N GLN B 27 15.29 25.54 9.36
CA GLN B 27 16.18 25.94 10.43
C GLN B 27 16.70 24.66 11.10
N LYS B 28 15.77 23.81 11.53
CA LYS B 28 16.07 22.54 12.17
C LYS B 28 17.01 21.65 11.36
N ALA B 29 16.89 21.67 10.03
CA ALA B 29 17.74 20.82 9.20
C ALA B 29 19.15 21.34 9.07
N GLY B 30 19.38 22.54 9.60
CA GLY B 30 20.74 23.08 9.57
C GLY B 30 21.06 23.58 8.17
N LEU B 31 20.03 24.16 7.56
CA LEU B 31 20.13 24.77 6.24
C LEU B 31 19.73 26.24 6.16
N GLU B 32 19.68 26.98 7.26
CA GLU B 32 19.37 28.42 7.30
C GLU B 32 20.23 29.21 6.29
N ASP B 33 21.49 28.81 6.12
CA ASP B 33 22.44 29.23 5.09
C ASP B 33 21.95 29.49 3.67
N ILE B 34 21.18 28.54 3.14
CA ILE B 34 20.69 28.43 1.77
C ILE B 34 19.43 29.26 1.57
N ASP B 35 19.47 30.33 0.76
CA ASP B 35 18.25 31.15 0.63
C ASP B 35 17.19 30.55 -0.28
N PHE B 36 17.69 29.75 -1.22
CA PHE B 36 16.77 29.14 -2.17
C PHE B 36 17.49 27.99 -2.85
N PHE B 37 16.68 27.01 -3.22
CA PHE B 37 17.22 25.87 -3.94
C PHE B 37 17.21 26.19 -5.43
N VAL B 38 18.31 25.80 -6.07
CA VAL B 38 18.46 25.88 -7.51
C VAL B 38 18.09 24.53 -8.15
N GLY B 39 16.98 24.60 -8.88
CA GLY B 39 16.30 23.47 -9.49
C GLY B 39 17.22 22.57 -10.28
N MET B 40 18.11 23.18 -11.04
CA MET B 40 18.89 22.37 -11.95
C MET B 40 20.29 22.15 -11.39
N GLU B 41 20.48 22.33 -10.09
CA GLU B 41 21.79 22.16 -9.56
C GLU B 41 21.75 20.93 -8.66
N ALA B 42 22.87 20.24 -8.54
CA ALA B 42 22.95 19.04 -7.67
C ALA B 42 23.26 19.42 -6.22
N TYR B 43 22.57 18.80 -5.26
CA TYR B 43 22.76 18.97 -3.82
C TYR B 43 23.21 17.62 -3.31
N SER B 44 23.86 17.63 -2.15
CA SER B 44 24.16 16.37 -1.51
C SER B 44 22.82 15.80 -1.05
N ASP B 45 22.71 14.47 -1.17
CA ASP B 45 21.48 13.81 -0.72
C ASP B 45 21.14 14.17 0.70
N ASP B 46 22.19 14.37 1.46
CA ASP B 46 22.13 14.77 2.86
C ASP B 46 21.02 15.80 3.00
N VAL B 47 21.01 16.77 2.08
CA VAL B 47 20.08 17.88 2.25
C VAL B 47 18.62 17.42 2.31
N THR B 48 18.27 16.48 1.45
CA THR B 48 16.92 16.00 1.37
C THR B 48 16.52 15.13 2.60
N TYR B 49 17.44 14.26 3.01
CA TYR B 49 17.20 13.45 4.23
C TYR B 49 17.05 14.34 5.49
N HIS B 50 17.95 15.30 5.70
CA HIS B 50 17.78 16.23 6.81
C HIS B 50 16.46 16.95 6.78
N LEU B 51 16.09 17.50 5.62
CA LEU B 51 14.79 18.16 5.53
C LEU B 51 13.67 17.24 5.89
N VAL B 52 13.76 15.99 5.43
CA VAL B 52 12.69 15.08 5.79
C VAL B 52 12.67 14.77 7.30
N GLY B 53 13.79 14.47 7.94
CA GLY B 53 13.80 14.23 9.39
C GLY B 53 13.32 15.40 10.24
N ALA B 54 13.77 16.55 9.77
CA ALA B 54 13.47 17.81 10.40
C ALA B 54 12.00 18.04 10.18
N ALA B 55 11.52 17.70 8.99
CA ALA B 55 10.10 17.93 8.83
C ALA B 55 9.35 17.01 9.78
N SER B 56 9.88 15.83 10.07
CA SER B 56 9.20 14.89 10.94
C SER B 56 9.10 15.38 12.39
N GLU B 57 10.22 15.87 12.91
CA GLU B 57 10.24 16.48 14.25
C GLU B 57 9.30 17.68 14.31
N VAL B 58 9.55 18.76 13.59
CA VAL B 58 8.61 19.87 13.66
C VAL B 58 7.14 19.49 13.49
N LEU B 59 6.81 18.50 12.66
CA LEU B 59 5.38 18.35 12.40
C LEU B 59 4.70 17.28 13.25
N GLY B 60 5.49 16.40 13.88
CA GLY B 60 4.99 15.34 14.74
C GLY B 60 4.37 14.17 14.00
N LYS B 61 4.93 13.97 12.80
CA LYS B 61 4.51 12.93 11.87
C LYS B 61 5.72 12.08 11.51
N PRO B 62 5.51 10.78 11.27
CA PRO B 62 6.69 10.03 10.85
C PRO B 62 7.17 10.42 9.45
N ALA B 63 8.49 10.44 9.34
CA ALA B 63 9.23 10.55 8.08
C ALA B 63 8.48 9.87 6.94
N GLU B 64 8.09 8.62 7.16
CA GLU B 64 7.41 7.79 6.20
C GLU B 64 6.09 8.37 5.76
N GLU B 65 5.39 9.03 6.65
CA GLU B 65 4.16 9.68 6.24
C GLU B 65 4.35 10.83 5.23
N LEU B 66 5.44 11.55 5.44
CA LEU B 66 5.83 12.71 4.66
C LEU B 66 6.32 12.30 3.27
N LEU B 67 7.12 11.25 3.24
CA LEU B 67 7.58 10.71 2.00
C LEU B 67 6.34 10.20 1.24
N ILE B 68 5.32 9.64 1.86
CA ILE B 68 4.19 9.22 1.06
C ILE B 68 3.49 10.42 0.51
N ALA B 69 3.34 11.45 1.32
CA ALA B 69 2.68 12.66 0.82
C ALA B 69 3.44 13.29 -0.30
N PHE B 70 4.77 13.27 -0.18
CA PHE B 70 5.62 14.00 -1.06
C PHE B 70 5.62 13.30 -2.40
N GLY B 71 5.66 11.98 -2.37
CA GLY B 71 5.42 11.22 -3.59
C GLY B 71 4.15 11.56 -4.33
N GLU B 72 3.06 11.73 -3.59
CA GLU B 72 1.87 12.03 -4.33
C GLU B 72 1.98 13.43 -4.87
N TYR B 73 2.55 14.35 -4.11
CA TYR B 73 2.62 15.74 -4.57
C TYR B 73 3.40 15.95 -5.85
N TRP B 74 4.48 15.19 -5.94
CA TRP B 74 5.48 15.30 -6.99
C TRP B 74 4.78 15.09 -8.30
N VAL B 75 3.85 14.15 -8.37
CA VAL B 75 3.14 13.90 -9.60
C VAL B 75 2.43 15.16 -10.04
N THR B 76 1.85 15.90 -9.11
CA THR B 76 1.16 17.14 -9.47
C THR B 76 2.19 18.24 -9.72
N TYR B 77 3.22 18.28 -8.89
CA TYR B 77 4.16 19.35 -8.97
C TYR B 77 4.94 19.26 -10.27
N THR B 78 5.34 18.07 -10.70
CA THR B 78 6.05 18.04 -11.98
C THR B 78 5.19 18.50 -13.15
N SER B 79 3.91 18.14 -13.19
CA SER B 79 3.04 18.53 -14.28
C SER B 79 2.84 20.03 -14.31
N GLU B 80 3.11 20.75 -13.24
CA GLU B 80 2.82 22.19 -13.20
C GLU B 80 4.02 23.11 -13.24
N GLU B 81 5.22 22.58 -13.02
CA GLU B 81 6.45 23.37 -12.96
C GLU B 81 7.43 22.99 -14.05
N GLY B 82 6.84 22.53 -15.17
CA GLY B 82 7.67 22.36 -16.37
C GLY B 82 7.84 21.00 -16.97
N TYR B 83 7.16 20.00 -16.44
CA TYR B 83 7.33 18.65 -16.92
C TYR B 83 6.00 18.04 -17.32
N GLY B 84 5.00 18.88 -17.51
CA GLY B 84 3.70 18.36 -17.95
C GLY B 84 3.70 17.57 -19.26
N GLU B 85 4.46 17.99 -20.25
CA GLU B 85 4.37 17.34 -21.54
C GLU B 85 5.14 16.03 -21.48
N LEU B 86 6.28 16.08 -20.83
CA LEU B 86 7.10 14.91 -20.58
C LEU B 86 6.27 13.90 -19.79
N LEU B 87 5.52 14.31 -18.78
CA LEU B 87 4.73 13.37 -18.03
C LEU B 87 3.73 12.72 -18.96
N ALA B 88 2.98 13.52 -19.70
CA ALA B 88 1.95 13.05 -20.58
C ALA B 88 2.50 12.12 -21.66
N SER B 89 3.77 12.29 -22.02
CA SER B 89 4.40 11.52 -23.09
C SER B 89 4.62 10.13 -22.57
N ALA B 90 4.63 9.98 -21.25
CA ALA B 90 4.87 8.66 -20.71
C ALA B 90 3.69 7.73 -20.65
N GLY B 91 2.52 8.20 -21.06
CA GLY B 91 1.39 7.32 -21.25
C GLY B 91 0.13 7.77 -20.55
N ASP B 92 -0.92 7.02 -20.80
CA ASP B 92 -2.24 7.38 -20.29
C ASP B 92 -2.83 6.21 -19.55
N SER B 93 -2.00 5.30 -19.08
CA SER B 93 -2.39 4.28 -18.11
C SER B 93 -1.24 3.99 -17.13
N LEU B 94 -1.63 3.52 -15.97
CA LEU B 94 -0.66 3.24 -14.94
C LEU B 94 0.36 2.20 -15.39
N PRO B 95 -0.07 1.08 -15.97
CA PRO B 95 0.96 0.11 -16.28
C PRO B 95 1.82 0.59 -17.44
N GLU B 96 1.24 1.28 -18.40
CA GLU B 96 2.06 1.86 -19.46
C GLU B 96 3.09 2.82 -18.89
N PHE B 97 2.58 3.63 -17.97
CA PHE B 97 3.39 4.73 -17.48
C PHE B 97 4.62 4.11 -16.82
N MET B 98 4.40 3.08 -16.01
CA MET B 98 5.48 2.40 -15.30
C MET B 98 6.45 1.67 -16.18
N GLU B 99 5.95 1.17 -17.29
CA GLU B 99 6.88 0.60 -18.26
C GLU B 99 7.77 1.66 -18.89
N ASN B 100 7.25 2.87 -19.09
CA ASN B 100 7.98 3.98 -19.66
C ASN B 100 8.88 4.72 -18.68
N LEU B 101 8.93 4.29 -17.44
CA LEU B 101 9.47 5.18 -16.41
C LEU B 101 11.00 5.33 -16.53
N ASP B 102 11.71 4.25 -16.78
CA ASP B 102 13.15 4.39 -17.01
C ASP B 102 13.45 5.28 -18.22
N ASN B 103 12.56 5.25 -19.21
CA ASN B 103 12.77 6.04 -20.42
C ASN B 103 12.50 7.48 -20.15
N LEU B 104 11.48 7.70 -19.32
CA LEU B 104 11.18 9.03 -18.88
C LEU B 104 12.37 9.60 -18.13
N HIS B 105 12.95 8.81 -17.22
CA HIS B 105 13.98 9.36 -16.39
C HIS B 105 15.19 9.54 -17.31
N ALA B 106 15.40 8.68 -18.31
CA ALA B 106 16.51 8.88 -19.29
C ALA B 106 16.48 10.23 -20.03
N ARG B 107 15.31 10.63 -20.49
CA ARG B 107 15.09 11.95 -21.08
C ARG B 107 15.31 13.10 -20.14
N VAL B 108 14.91 12.82 -18.91
CA VAL B 108 15.13 13.82 -17.87
C VAL B 108 16.64 14.02 -17.71
N GLY B 109 17.43 12.97 -17.80
CA GLY B 109 18.85 12.99 -17.46
C GLY B 109 19.67 13.52 -18.60
N LEU B 110 19.14 13.76 -19.79
CA LEU B 110 19.98 14.39 -20.81
C LEU B 110 20.07 15.84 -20.44
N SER B 111 18.90 16.31 -20.01
CA SER B 111 18.76 17.64 -19.40
C SER B 111 19.40 17.73 -18.00
N PHE B 112 19.39 16.71 -17.13
CA PHE B 112 20.10 16.81 -15.83
C PHE B 112 21.27 15.82 -15.90
N PRO B 113 22.45 16.29 -16.29
CA PRO B 113 23.51 15.34 -16.62
C PRO B 113 24.06 14.47 -15.49
N GLN B 114 23.87 14.84 -14.23
CA GLN B 114 24.31 14.06 -13.08
C GLN B 114 23.24 13.23 -12.33
N LEU B 115 22.10 13.05 -12.99
CA LEU B 115 20.97 12.33 -12.49
C LEU B 115 21.34 10.90 -12.05
N ARG B 116 21.03 10.53 -10.80
CA ARG B 116 21.01 9.13 -10.41
C ARG B 116 19.58 8.67 -10.31
N PRO B 117 18.98 8.32 -11.43
CA PRO B 117 17.57 8.01 -11.37
C PRO B 117 17.32 6.63 -10.81
N PRO B 118 16.11 6.40 -10.26
CA PRO B 118 15.86 5.01 -9.95
C PRO B 118 15.69 4.12 -11.20
N ALA B 119 15.60 2.81 -11.00
CA ALA B 119 15.18 1.89 -12.07
C ALA B 119 13.92 1.09 -11.75
N PHE B 120 12.93 1.00 -12.65
CA PHE B 120 11.77 0.25 -12.35
C PHE B 120 11.48 -0.80 -13.40
N GLU B 121 11.29 -2.03 -12.97
CA GLU B 121 10.94 -3.14 -13.83
C GLU B 121 9.60 -3.73 -13.42
N CYS B 122 8.73 -3.90 -14.40
CA CYS B 122 7.44 -4.51 -14.23
C CYS B 122 7.38 -5.94 -14.74
N GLN B 123 6.89 -6.88 -13.94
CA GLN B 123 6.42 -8.21 -14.39
C GLN B 123 4.90 -8.21 -14.24
N HIS B 124 4.17 -8.10 -15.34
CA HIS B 124 2.72 -8.13 -15.34
C HIS B 124 2.25 -9.54 -14.97
N THR B 125 1.46 -9.66 -13.91
CA THR B 125 0.94 -10.92 -13.42
C THR B 125 -0.47 -11.09 -13.98
N SER B 126 -1.07 -10.00 -14.47
CA SER B 126 -2.30 -10.08 -15.27
C SER B 126 -2.52 -8.71 -15.92
N SER B 127 -3.69 -8.55 -16.53
CA SER B 127 -4.05 -7.29 -17.14
C SER B 127 -4.37 -6.29 -16.06
N LYS B 128 -4.59 -6.72 -14.81
CA LYS B 128 -4.88 -5.81 -13.69
C LYS B 128 -3.83 -5.87 -12.55
N SER B 129 -2.64 -6.47 -12.79
CA SER B 129 -1.65 -6.52 -11.74
C SER B 129 -0.20 -6.72 -12.14
N MET B 130 0.68 -6.42 -11.20
CA MET B 130 2.08 -6.59 -11.56
C MET B 130 2.95 -6.64 -10.33
N GLU B 131 4.16 -7.19 -10.51
CA GLU B 131 5.22 -7.07 -9.51
C GLU B 131 6.11 -5.93 -9.94
N LEU B 132 6.38 -4.98 -9.08
CA LEU B 132 7.20 -3.87 -9.51
C LEU B 132 8.50 -3.98 -8.74
N HIS B 133 9.60 -3.96 -9.48
CA HIS B 133 10.94 -4.01 -8.90
C HIS B 133 11.56 -2.64 -8.91
N TYR B 134 11.83 -2.11 -7.72
CA TYR B 134 12.38 -0.76 -7.55
C TYR B 134 13.85 -0.92 -7.15
N GLN B 135 14.69 -0.56 -8.11
CA GLN B 135 16.13 -0.45 -7.86
C GLN B 135 16.68 0.97 -7.75
N SER B 136 17.47 1.20 -6.70
CA SER B 136 17.91 2.57 -6.42
C SER B 136 19.27 2.56 -5.82
N THR B 137 20.00 3.62 -6.14
CA THR B 137 21.30 3.87 -5.54
C THR B 137 21.05 4.47 -4.18
N ARG B 138 19.80 4.67 -3.80
CA ARG B 138 19.58 5.31 -2.48
C ARG B 138 18.72 4.48 -1.57
N ALA B 139 18.76 4.80 -0.27
CA ALA B 139 18.05 4.04 0.73
C ALA B 139 16.91 4.90 1.21
N GLY B 140 15.85 4.26 1.67
CA GLY B 140 14.84 4.99 2.42
C GLY B 140 13.59 5.49 1.71
N LEU B 141 13.55 5.37 0.39
CA LEU B 141 12.54 6.10 -0.41
C LEU B 141 11.36 5.23 -0.84
N ALA B 142 11.39 3.97 -0.46
CA ALA B 142 10.22 3.18 -0.75
C ALA B 142 8.89 3.83 -0.35
N PRO B 143 8.81 4.56 0.75
CA PRO B 143 7.46 5.05 1.00
C PRO B 143 7.11 6.15 0.00
N MET B 144 8.14 6.83 -0.47
CA MET B 144 7.94 7.80 -1.54
C MET B 144 7.37 7.12 -2.76
N VAL B 145 7.83 5.93 -3.08
CA VAL B 145 7.29 5.22 -4.22
C VAL B 145 5.80 4.94 -4.07
N LEU B 146 5.41 4.52 -2.87
CA LEU B 146 4.00 4.34 -2.64
C LEU B 146 3.15 5.57 -2.97
N GLY B 147 3.64 6.73 -2.54
CA GLY B 147 2.83 7.91 -2.76
C GLY B 147 2.75 8.25 -4.23
N LEU B 148 3.89 8.10 -4.90
CA LEU B 148 4.01 8.35 -6.32
C LEU B 148 2.99 7.44 -7.02
N LEU B 149 2.97 6.17 -6.63
CA LEU B 149 1.99 5.30 -7.28
C LEU B 149 0.55 5.73 -7.04
N HIS B 150 0.23 6.30 -5.88
CA HIS B 150 -1.11 6.80 -5.65
C HIS B 150 -1.46 8.04 -6.44
N GLY B 151 -0.46 8.91 -6.52
CA GLY B 151 -0.46 10.06 -7.41
C GLY B 151 -0.69 9.69 -8.86
N LEU B 152 -0.07 8.62 -9.34
CA LEU B 152 -0.33 8.15 -10.68
C LEU B 152 -1.73 7.54 -10.83
N GLY B 153 -2.22 6.95 -9.76
CA GLY B 153 -3.59 6.50 -9.78
C GLY B 153 -4.63 7.58 -9.93
N LYS B 154 -4.46 8.64 -9.16
CA LYS B 154 -5.20 9.88 -9.36
C LYS B 154 -5.07 10.39 -10.77
N ARG B 155 -3.86 10.61 -11.29
CA ARG B 155 -3.76 11.14 -12.65
C ARG B 155 -4.57 10.32 -13.65
N PHE B 156 -4.63 9.00 -13.53
CA PHE B 156 -5.25 8.17 -14.55
C PHE B 156 -6.62 7.67 -14.11
N GLN B 157 -7.11 8.21 -13.01
CA GLN B 157 -8.35 7.72 -12.41
C GLN B 157 -8.41 6.22 -12.28
N THR B 158 -7.39 5.64 -11.66
CA THR B 158 -7.29 4.20 -11.46
C THR B 158 -7.10 4.01 -9.95
N LYS B 159 -7.70 2.96 -9.42
CA LYS B 159 -7.62 2.71 -8.00
C LYS B 159 -6.49 1.71 -8.02
N VAL B 160 -5.50 1.92 -7.15
CA VAL B 160 -4.32 1.09 -7.07
C VAL B 160 -4.13 0.66 -5.61
N GLU B 161 -3.92 -0.64 -5.49
CA GLU B 161 -3.55 -1.29 -4.25
C GLU B 161 -2.12 -1.80 -4.37
N VAL B 162 -1.31 -1.42 -3.41
CA VAL B 162 0.15 -1.58 -3.46
C VAL B 162 0.66 -2.12 -2.14
N THR B 163 1.42 -3.18 -2.22
CA THR B 163 1.98 -3.73 -1.00
C THR B 163 3.40 -4.19 -1.22
N GLN B 164 4.26 -3.84 -0.28
CA GLN B 164 5.66 -4.00 -0.55
C GLN B 164 5.97 -5.38 -0.07
N THR B 165 6.68 -6.20 -0.85
CA THR B 165 6.95 -7.59 -0.47
C THR B 165 8.43 -7.93 -0.30
N ALA B 166 9.29 -6.96 -0.57
CA ALA B 166 10.70 -7.19 -0.31
C ALA B 166 11.30 -5.85 0.02
N PHE B 167 12.26 -5.87 0.94
CA PHE B 167 12.80 -4.67 1.55
C PHE B 167 14.33 -4.57 1.50
N ARG B 168 14.86 -3.65 0.70
CA ARG B 168 16.28 -3.35 0.60
C ARG B 168 16.93 -3.08 1.96
N GLU B 169 16.20 -2.34 2.76
CA GLU B 169 16.44 -1.98 4.16
C GLU B 169 16.99 -3.15 4.94
N THR B 170 16.46 -4.34 4.65
CA THR B 170 16.82 -5.46 5.48
C THR B 170 18.00 -6.20 4.86
N GLY B 171 18.53 -5.68 3.76
CA GLY B 171 19.56 -6.47 3.08
C GLY B 171 19.18 -7.32 1.88
N GLU B 172 17.87 -7.47 1.60
CA GLU B 172 17.39 -7.95 0.30
C GLU B 172 17.92 -7.08 -0.84
N ASP B 173 18.00 -7.62 -2.02
CA ASP B 173 18.70 -6.93 -3.06
C ASP B 173 17.97 -5.62 -3.43
N HIS B 174 16.64 -5.64 -3.47
CA HIS B 174 15.89 -4.43 -3.72
C HIS B 174 14.43 -4.43 -3.36
N ASP B 175 13.81 -3.25 -3.29
CA ASP B 175 12.40 -3.23 -2.89
C ASP B 175 11.53 -3.79 -4.03
N ILE B 176 10.50 -4.55 -3.69
CA ILE B 176 9.58 -5.20 -4.64
C ILE B 176 8.22 -4.94 -4.06
N PHE B 177 7.30 -4.68 -4.98
CA PHE B 177 5.94 -4.32 -4.67
C PHE B 177 4.99 -5.17 -5.48
N SER B 178 3.89 -5.67 -4.87
CA SER B 178 2.77 -6.26 -5.62
C SER B 178 1.73 -5.19 -5.87
N ILE B 179 1.15 -5.13 -7.05
CA ILE B 179 0.27 -4.01 -7.30
C ILE B 179 -0.97 -4.49 -7.99
N LYS B 180 -2.12 -3.97 -7.57
CA LYS B 180 -3.38 -4.24 -8.24
C LYS B 180 -3.97 -2.90 -8.67
N TYR B 181 -4.55 -2.90 -9.87
CA TYR B 181 -5.09 -1.65 -10.44
C TYR B 181 -6.45 -1.87 -11.14
N GLU B 182 -7.25 -0.81 -11.10
CA GLU B 182 -8.69 -0.58 -11.37
C GLU B 182 -9.52 -1.85 -11.57
#